data_7ALJ
#
_entry.id   7ALJ
#
_cell.length_a   180.820
_cell.length_b   31.286
_cell.length_c   21.795
_cell.angle_alpha   90.000
_cell.angle_beta   90.769
_cell.angle_gamma   90.000
#
_symmetry.space_group_name_H-M   'C 1 2 1'
#
loop_
_entity.id
_entity.type
_entity.pdbx_description
1 polymer 'Neurogenic locus Notch protein'
2 branched beta-D-xylopyranose-(1-3)-beta-D-glucopyranose
3 non-polymer 'CALCIUM ION'
4 non-polymer alpha-L-fucopyranose
5 non-polymer beta-D-glucopyranose
6 non-polymer 2-acetamido-2-deoxy-beta-D-glucopyranose
7 water water
#
_entity_poly.entity_id   1
_entity_poly.type   'polypeptide(L)'
_entity_poly.pdbx_seq_one_letter_code
;DIDECDQGSPCEHNGICVNTPGSYRCNCSQGFTGPRCETNINECESHPCQNEGSCLDDPGTFRCVCMPGFTGTQCEIDID
ECQSNPCLNDGTCHDKINGFKCSCALGFTGARCQIN
;
_entity_poly.pdbx_strand_id   A
#
# COMPACT_ATOMS: atom_id res chain seq x y z
N ILE A 2 35.06 -8.21 -29.35
CA ILE A 2 34.58 -8.67 -28.05
C ILE A 2 33.21 -8.07 -27.73
N ASP A 3 32.17 -8.70 -28.30
CA ASP A 3 30.81 -8.35 -27.92
C ASP A 3 30.65 -8.40 -26.40
N GLU A 4 31.30 -9.37 -25.74
CA GLU A 4 31.21 -9.53 -24.30
C GLU A 4 29.82 -9.95 -23.83
N CYS A 5 28.77 -9.26 -24.26
CA CYS A 5 27.43 -9.77 -24.01
C CYS A 5 27.15 -11.06 -24.78
N ASP A 6 27.59 -11.15 -26.05
CA ASP A 6 27.21 -12.34 -26.83
C ASP A 6 27.95 -13.60 -26.37
N GLN A 7 29.11 -13.44 -25.72
CA GLN A 7 29.79 -14.61 -25.17
C GLN A 7 29.05 -15.20 -23.99
N GLY A 8 28.02 -14.53 -23.53
CA GLY A 8 27.18 -15.12 -22.50
C GLY A 8 26.83 -14.05 -21.47
N SER A 9 25.57 -13.71 -21.39
CA SER A 9 25.16 -12.58 -20.54
C SER A 9 25.34 -12.94 -19.08
N PRO A 10 25.92 -12.06 -18.27
CA PRO A 10 26.02 -12.32 -16.84
C PRO A 10 24.85 -11.74 -16.05
N CYS A 11 23.81 -11.20 -16.73
CA CYS A 11 22.74 -10.54 -16.01
C CYS A 11 21.75 -11.55 -15.50
N GLU A 12 21.40 -11.45 -14.22
CA GLU A 12 20.36 -12.27 -13.63
C GLU A 12 18.96 -11.68 -13.84
N HIS A 13 17.93 -12.50 -13.54
CA HIS A 13 16.54 -12.02 -13.49
C HIS A 13 16.13 -11.43 -14.85
N ASN A 14 16.62 -12.04 -15.90
CA ASN A 14 16.37 -11.65 -17.27
C ASN A 14 16.69 -10.22 -17.56
N GLY A 15 17.70 -9.67 -16.87
CA GLY A 15 18.18 -8.36 -17.26
C GLY A 15 18.89 -8.36 -18.61
N ILE A 16 19.00 -7.16 -19.20
CA ILE A 16 19.57 -7.03 -20.56
C ILE A 16 21.00 -6.55 -20.45
N CYS A 17 21.91 -7.33 -21.01
CA CYS A 17 23.32 -6.96 -21.06
C CYS A 17 23.51 -5.89 -22.12
N VAL A 18 24.28 -4.82 -21.77
CA VAL A 18 24.62 -3.76 -22.74
C VAL A 18 26.12 -3.55 -22.68
N ASN A 19 26.76 -3.62 -23.84
CA ASN A 19 28.19 -3.34 -23.90
C ASN A 19 28.45 -1.90 -23.55
N THR A 20 29.53 -1.70 -22.80
CA THR A 20 30.10 -0.41 -22.45
C THR A 20 31.57 -0.48 -22.85
N PRO A 21 32.22 0.66 -22.98
CA PRO A 21 33.63 0.61 -23.41
C PRO A 21 34.47 -0.19 -22.43
N GLY A 22 34.90 -1.38 -22.86
CA GLY A 22 35.76 -2.24 -22.06
C GLY A 22 35.02 -3.10 -21.04
N SER A 23 33.71 -2.96 -20.93
CA SER A 23 32.95 -3.68 -19.91
C SER A 23 31.51 -3.81 -20.37
N TYR A 24 30.59 -3.89 -19.42
CA TYR A 24 29.17 -4.07 -19.70
C TYR A 24 28.36 -3.47 -18.55
N ARG A 25 27.05 -3.30 -18.77
CA ARG A 25 26.14 -2.96 -17.72
C ARG A 25 24.95 -3.85 -17.94
N CYS A 26 24.21 -4.07 -16.86
CA CYS A 26 22.97 -4.83 -16.97
C CYS A 26 21.78 -3.89 -16.72
N ASN A 27 20.82 -3.85 -17.67
CA ASN A 27 19.61 -3.10 -17.50
CA ASN A 27 19.59 -3.09 -17.51
C ASN A 27 18.51 -4.02 -16.96
N CYS A 28 18.09 -3.80 -15.73
CA CYS A 28 17.25 -4.78 -15.05
C CYS A 28 15.77 -4.53 -15.28
N SER A 29 14.97 -5.60 -15.17
CA SER A 29 13.52 -5.54 -15.13
C SER A 29 13.04 -4.92 -13.82
N GLN A 30 11.74 -4.63 -13.78
CA GLN A 30 11.17 -4.01 -12.59
C GLN A 30 11.33 -4.94 -11.39
N GLY A 31 11.76 -4.36 -10.27
CA GLY A 31 11.96 -5.11 -9.05
C GLY A 31 13.35 -5.58 -8.75
N PHE A 32 14.30 -5.37 -9.68
CA PHE A 32 15.67 -5.79 -9.51
C PHE A 32 16.64 -4.67 -9.77
N THR A 33 17.76 -4.78 -9.13
CA THR A 33 18.87 -3.86 -9.32
C THR A 33 20.14 -4.61 -8.96
N GLY A 34 21.21 -3.86 -8.89
CA GLY A 34 22.53 -4.36 -8.72
C GLY A 34 23.27 -4.47 -10.01
N PRO A 35 24.60 -4.60 -9.96
CA PRO A 35 25.40 -4.56 -11.18
C PRO A 35 25.05 -5.65 -12.14
N ARG A 36 24.53 -6.77 -11.66
CA ARG A 36 24.13 -7.89 -12.47
C ARG A 36 22.68 -8.27 -12.21
N CYS A 37 21.91 -7.33 -11.67
CA CYS A 37 20.47 -7.52 -11.44
C CYS A 37 20.19 -8.60 -10.42
N GLU A 38 21.13 -8.78 -9.51
CA GLU A 38 21.05 -9.86 -8.55
C GLU A 38 20.29 -9.45 -7.31
N THR A 39 20.01 -8.17 -7.12
CA THR A 39 19.43 -7.67 -5.88
C THR A 39 17.92 -7.58 -6.14
N ASN A 40 17.15 -8.23 -5.26
CA ASN A 40 15.70 -8.04 -5.28
C ASN A 40 15.35 -6.79 -4.50
N ILE A 41 14.55 -5.92 -5.08
CA ILE A 41 14.06 -4.74 -4.34
C ILE A 41 12.77 -5.15 -3.70
N ASN A 42 12.68 -5.04 -2.40
CA ASN A 42 11.47 -5.39 -1.65
C ASN A 42 10.84 -4.07 -1.21
N GLU A 43 9.75 -3.64 -1.86
CA GLU A 43 9.19 -2.32 -1.61
C GLU A 43 8.62 -2.24 -0.23
N CYS A 44 8.52 -3.41 0.43
CA CYS A 44 8.01 -3.35 1.81
C CYS A 44 9.08 -2.97 2.82
N GLU A 45 10.35 -2.87 2.39
CA GLU A 45 11.40 -2.43 3.28
C GLU A 45 11.26 -0.98 3.75
N SER A 46 10.53 -0.13 3.06
CA SER A 46 10.27 1.21 3.57
C SER A 46 9.02 1.24 4.48
N HIS A 47 8.48 0.09 4.85
CA HIS A 47 7.37 0.07 5.80
C HIS A 47 6.22 0.98 5.37
N PRO A 48 5.69 0.77 4.14
CA PRO A 48 4.72 1.70 3.59
C PRO A 48 3.34 1.55 4.18
N CYS A 49 2.99 0.43 4.75
CA CYS A 49 1.64 0.22 5.21
C CYS A 49 1.39 0.77 6.60
N GLN A 50 0.48 1.71 6.69
CA GLN A 50 0.19 2.36 7.96
CA GLN A 50 0.16 2.39 7.94
C GLN A 50 -0.89 1.64 8.75
N ASN A 51 -1.03 2.07 10.02
CA ASN A 51 -2.18 1.65 10.87
C ASN A 51 -2.28 0.13 10.97
N GLU A 52 -1.12 -0.54 11.18
CA GLU A 52 -1.01 -1.98 11.44
C GLU A 52 -1.40 -2.80 10.24
N GLY A 53 -1.38 -2.23 9.05
CA GLY A 53 -1.62 -3.00 7.83
C GLY A 53 -0.51 -4.01 7.55
N SER A 54 -0.83 -5.02 6.78
CA SER A 54 0.16 -6.01 6.36
C SER A 54 0.69 -5.66 5.00
N CYS A 55 2.02 -5.72 4.83
CA CYS A 55 2.68 -5.39 3.56
C CYS A 55 3.05 -6.63 2.76
N LEU A 56 2.63 -6.64 1.51
CA LEU A 56 2.88 -7.76 0.57
C LEU A 56 3.64 -7.23 -0.63
N ASP A 57 4.67 -8.00 -1.08
CA ASP A 57 5.75 -7.62 -2.00
C ASP A 57 5.59 -8.36 -3.33
N ASP A 58 5.74 -7.65 -4.45
CA ASP A 58 6.02 -8.32 -5.74
C ASP A 58 7.07 -7.49 -6.43
N PRO A 59 7.68 -7.86 -7.54
CA PRO A 59 8.71 -6.97 -8.06
C PRO A 59 8.12 -5.68 -8.56
N GLY A 60 8.65 -4.57 -8.04
CA GLY A 60 8.22 -3.29 -8.48
C GLY A 60 7.05 -2.74 -7.74
N THR A 61 6.50 -3.51 -6.78
CA THR A 61 5.28 -3.02 -6.17
C THR A 61 4.97 -3.62 -4.79
N PHE A 62 4.03 -3.01 -4.17
CA PHE A 62 3.56 -3.54 -2.90
C PHE A 62 2.07 -3.45 -2.86
N ARG A 63 1.50 -4.21 -1.91
CA ARG A 63 0.07 -4.12 -1.63
C ARG A 63 -0.04 -4.15 -0.13
N CYS A 64 -0.89 -3.29 0.45
CA CYS A 64 -1.18 -3.29 1.84
C CYS A 64 -2.55 -3.90 2.07
N VAL A 65 -2.65 -4.69 3.11
CA VAL A 65 -3.92 -5.27 3.54
C VAL A 65 -4.27 -4.53 4.81
N CYS A 66 -5.39 -3.85 4.82
CA CYS A 66 -5.72 -2.89 5.88
C CYS A 66 -6.49 -3.52 7.00
N MET A 67 -6.30 -2.97 8.21
CA MET A 67 -7.17 -3.27 9.31
C MET A 67 -8.56 -2.67 9.09
N PRO A 68 -9.57 -3.23 9.69
CA PRO A 68 -10.91 -2.66 9.55
C PRO A 68 -10.94 -1.18 9.92
N GLY A 69 -11.59 -0.38 9.08
CA GLY A 69 -11.68 1.04 9.34
C GLY A 69 -10.73 1.88 8.53
N PHE A 70 -9.79 1.23 7.84
CA PHE A 70 -8.80 1.93 7.06
C PHE A 70 -8.84 1.51 5.61
N THR A 71 -8.45 2.44 4.74
CA THR A 71 -8.32 2.14 3.30
C THR A 71 -7.22 3.02 2.71
N GLY A 72 -7.11 3.02 1.37
CA GLY A 72 -6.03 3.64 0.65
C GLY A 72 -4.86 2.71 0.45
N THR A 73 -4.00 3.08 -0.48
CA THR A 73 -2.88 2.25 -0.92
C THR A 73 -1.98 1.86 0.25
N GLN A 74 -1.82 2.80 1.21
CA GLN A 74 -0.99 2.55 2.38
C GLN A 74 -1.78 2.50 3.66
N CYS A 75 -3.06 2.23 3.60
CA CYS A 75 -3.92 2.18 4.74
C CYS A 75 -3.97 3.46 5.53
N GLU A 76 -3.72 4.53 4.82
CA GLU A 76 -3.57 5.87 5.43
C GLU A 76 -4.89 6.59 5.66
N ILE A 77 -6.00 6.11 5.05
CA ILE A 77 -7.30 6.76 5.14
C ILE A 77 -8.11 6.13 6.25
N ASP A 78 -8.48 6.95 7.23
CA ASP A 78 -9.43 6.58 8.27
C ASP A 78 -10.82 6.77 7.66
N ILE A 79 -11.50 5.67 7.32
CA ILE A 79 -12.78 5.74 6.60
C ILE A 79 -13.78 6.52 7.40
N ASP A 80 -14.51 7.42 6.74
CA ASP A 80 -15.54 8.21 7.51
C ASP A 80 -16.86 7.45 7.56
N GLU A 81 -17.05 6.70 8.61
CA GLU A 81 -18.24 5.87 8.76
C GLU A 81 -19.49 6.72 8.91
N CYS A 82 -19.29 8.01 9.18
CA CYS A 82 -20.43 8.95 9.28
C CYS A 82 -20.92 9.41 7.90
N GLN A 83 -20.28 8.96 6.82
CA GLN A 83 -20.72 9.35 5.47
C GLN A 83 -22.17 8.98 5.24
N SER A 84 -22.61 7.87 5.81
CA SER A 84 -23.93 7.34 5.54
C SER A 84 -25.01 7.92 6.44
N ASN A 85 -24.67 8.92 7.24
CA ASN A 85 -25.63 9.61 8.11
C ASN A 85 -26.40 8.63 9.01
N PRO A 86 -25.70 7.82 9.79
CA PRO A 86 -26.39 6.79 10.57
C PRO A 86 -27.19 7.33 11.74
N CYS A 87 -26.90 8.53 12.23
CA CYS A 87 -27.57 9.06 13.41
C CYS A 87 -28.92 9.60 12.98
N LEU A 88 -29.99 8.95 13.44
CA LEU A 88 -31.32 9.34 13.05
C LEU A 88 -31.77 10.54 13.87
N ASN A 89 -32.82 11.19 13.37
CA ASN A 89 -33.54 12.24 14.10
C ASN A 89 -32.59 13.36 14.51
N ASP A 90 -31.95 13.94 13.49
CA ASP A 90 -31.09 15.11 13.64
C ASP A 90 -29.93 14.89 14.61
N GLY A 91 -29.60 13.64 14.91
CA GLY A 91 -28.42 13.38 15.71
C GLY A 91 -27.15 13.83 14.99
N THR A 92 -26.08 13.91 15.76
CA THR A 92 -24.77 14.34 15.24
C THR A 92 -23.82 13.15 15.29
N CYS A 93 -23.25 12.82 14.13
CA CYS A 93 -22.38 11.66 13.99
C CYS A 93 -20.94 12.09 14.21
N HIS A 94 -20.23 11.37 15.06
CA HIS A 94 -18.80 11.54 15.32
C HIS A 94 -18.05 10.29 14.86
N ASP A 95 -17.08 10.49 13.96
CA ASP A 95 -16.34 9.35 13.41
C ASP A 95 -15.36 8.80 14.42
N LYS A 96 -15.24 7.50 14.43
CA LYS A 96 -14.31 6.81 15.31
C LYS A 96 -13.48 5.84 14.43
N ILE A 97 -12.55 5.14 15.05
CA ILE A 97 -11.82 4.11 14.31
C ILE A 97 -12.75 2.90 14.16
N ASN A 98 -13.07 2.56 12.93
CA ASN A 98 -13.93 1.45 12.58
C ASN A 98 -15.27 1.56 13.29
N GLY A 99 -15.85 2.76 13.21
CA GLY A 99 -17.12 2.98 13.91
C GLY A 99 -17.47 4.45 13.99
N PHE A 100 -18.53 4.73 14.76
CA PHE A 100 -18.99 6.10 14.93
C PHE A 100 -19.73 6.15 16.26
N LYS A 101 -19.87 7.35 16.79
CA LYS A 101 -20.73 7.62 17.93
C LYS A 101 -21.75 8.66 17.53
N CYS A 102 -22.99 8.48 18.01
CA CYS A 102 -24.06 9.43 17.80
C CYS A 102 -24.32 10.24 19.06
N SER A 103 -24.46 11.53 18.90
CA SER A 103 -24.95 12.42 19.94
C SER A 103 -26.36 12.75 19.53
N CYS A 104 -27.32 12.27 20.33
CA CYS A 104 -28.73 12.29 19.97
C CYS A 104 -29.41 13.56 20.46
N ALA A 105 -30.25 14.13 19.59
CA ALA A 105 -31.08 15.26 19.96
C ALA A 105 -31.87 14.96 21.24
N LEU A 106 -32.50 15.98 21.79
CA LEU A 106 -33.25 15.80 23.02
C LEU A 106 -34.54 15.07 22.69
N GLY A 107 -34.83 14.03 23.46
CA GLY A 107 -35.98 13.18 23.24
C GLY A 107 -35.70 11.88 22.51
N PHE A 108 -34.47 11.68 22.05
CA PHE A 108 -34.08 10.49 21.32
C PHE A 108 -32.90 9.82 22.02
N THR A 109 -32.76 8.52 21.79
CA THR A 109 -31.72 7.75 22.47
C THR A 109 -31.45 6.52 21.61
N GLY A 110 -30.45 5.76 22.01
CA GLY A 110 -30.02 4.58 21.28
C GLY A 110 -28.74 4.83 20.51
N ALA A 111 -28.02 3.74 20.23
CA ALA A 111 -26.77 3.86 19.50
C ALA A 111 -26.91 4.78 18.29
N ARG A 112 -28.10 4.79 17.66
CA ARG A 112 -28.34 5.63 16.49
C ARG A 112 -29.52 6.58 16.69
N CYS A 113 -29.84 6.94 17.93
CA CYS A 113 -30.94 7.87 18.15
C CYS A 113 -32.26 7.30 17.63
N GLN A 114 -32.38 5.98 17.64
CA GLN A 114 -33.55 5.32 17.07
C GLN A 114 -34.71 5.28 18.05
N ILE A 115 -34.41 5.28 19.35
CA ILE A 115 -35.42 5.23 20.40
C ILE A 115 -35.97 6.64 20.67
N ASN A 116 -37.23 6.72 21.07
CA ASN A 116 -37.81 7.99 21.46
C ASN A 116 -38.41 7.88 22.85
#